data_7D0F
#
_entry.id   7D0F
#
_cell.length_a   1.00
_cell.length_b   1.00
_cell.length_c   1.00
_cell.angle_alpha   90.00
_cell.angle_beta   90.00
_cell.angle_gamma   90.00
#
_symmetry.space_group_name_H-M   'P 1'
#
loop_
_entity.id
_entity.type
_entity.pdbx_description
1 polymer 'RNA (738-MER)'
2 polymer 'Group II intron-encoded protein LtrA'
#
loop_
_entity_poly.entity_id
_entity_poly.type
_entity_poly.pdbx_seq_one_letter_code
_entity_poly.pdbx_strand_id
1 'polyribonucleotide'
;CACAUCCAUAACGUGCGCCCAGAUAGGGUGUUAAGUCAAGUAGUUUAAGGUACUACUCUGUAAGAUAACACAGAAAACAG
CCAACCUAACCGAAAAGCGAAAGCUGAUACGGGAACAGAGCACGGUUGGAAAGCGAUGAGUUACCUAAAGACAAUCGGGU
ACGACUGAGUCGCAAUGUUAAUCAGAUAUAAGGUAUAAGUUGUGUUUACUGAACGCAAGUUUCUAAUUUCGGUUAUGUGU
CGAUAGAGGAAAGUGUCUGAAACCUCUAGUACAAAGAAAGGUAAGUUAUGGUUGUGGACUUAUCUGUUAUCACCACAUUU
GUACAAUCUGUAGGAGAACCUAUGGGAACGAAACGAAAGCGAUGCCGAGAAUCUGAAUUUACCAAGACUUAACACUAACU
GGGGAUACCCUAAACAAGAAUGCCUAAUAGAAAGGAGGAAAAAGGCUAUAGCACUAGAGCUUGAAAAUCUUGCAAGGGUA
CGGAGUACUCGUAGUAGUCUGAGAAGGGUAACGCCCUUUACAUGGCAAAGGGGUACAGUUAUUGUGUACUAAAAUUAAAA
AUUGAUUAGGGAGGAAAACCUCAAAAUGAAACCAACAAUGGCAAUUUUAGAAAGAAUCAGUAAAAAUUCACAAGAAAAUA
UAGACGAAGUUUUUACAAGACUUUAUCGUUAUCUUUUACGUCCAGAUAUUUAUUACGUGGCGACGCGUUGGGAAAUGGCA
AUGAUAGCGAAACAACGUAAAACUCUUGUUGUAUGCUUUCAUUGUCAUCGUCACGUGAUUCAUAAACACAAGUGAAUUUU
UACGAACGAACAAUAACAGAGCCGUAUACUCCGAGAGGGGUACGUACGGUUCCCGAAGAGGGUGGUGCAAACCAGUCACA
GUAAUGUGAACAAGGCGGUACCUCCCUCUUCACCA
;
A
2 'polypeptide(L)'
;MKPTMAILERISKNSQENIDEVFTRLYRYLLRPDIYYVAYQNLYSNKGASTKGILDDTADGFSEEKIKKIIQSLKDGTYY
PQPVRRMYIAKKNSKKMRPLGIPTFTDKLIQEAVRIILESIYEPVFEDVSHGFRPQRSCHTALKTIKREFGGARWFVEGD
IKGCFDNIDHVTLIGLINLKIKDMKMSQLIYKFLKAGYLENWQYHKTYSGTPQGGILSPLLANIYLHELDKFVLQLKMKF
DRESPERITPEYRELHNEIKRISHRLKKLEGEEKAKVLLEYQEKRKRLPTLPCTSQTNKVLKYVRYADDFIISVKGSKED
CQWIKEQLKLFIHNKLKMELSEEKTLITHSSQPARFLGYDIRVRRSGTIKRSGKVKKRTLNGSVELLIPLQDKIRQFIFD
KKIAIQKKDSSWFPVHRKYLIRSTDLEIITIYNSELRGICNYYGLASNFNQLNYFAYLMEYSCLKTIASKHKGTLSKTIS
MFKDGSGSWGIPYEIKQGKQRRYFANFSECKSPYQFTDEISQAPVLYGYARNTLENRLKAKCCELCGTSDENTSYEIHHV
NKVKNLKGKEKWEMAMIAKQRKTLVVCFHCHRHVIHKHK
;
C
#
loop_
_chem_comp.id
_chem_comp.type
_chem_comp.name
_chem_comp.formula
A RNA linking ADENOSINE-5'-MONOPHOSPHATE 'C10 H14 N5 O7 P'
C RNA linking CYTIDINE-5'-MONOPHOSPHATE 'C9 H14 N3 O8 P'
G RNA linking GUANOSINE-5'-MONOPHOSPHATE 'C10 H14 N5 O8 P'
U RNA linking URIDINE-5'-MONOPHOSPHATE 'C9 H13 N2 O9 P'
#
# COMPACT_ATOMS: atom_id res chain seq x y z
N THR B 4 -27.57 14.24 8.12
CA THR B 4 -26.96 14.33 9.43
C THR B 4 -26.98 12.96 10.03
N MET B 5 -26.25 12.06 9.38
CA MET B 5 -26.09 10.73 9.94
C MET B 5 -25.19 10.89 11.15
N ALA B 6 -25.80 11.29 12.26
CA ALA B 6 -25.17 11.23 13.56
C ALA B 6 -25.72 10.06 14.35
N ILE B 7 -26.17 9.02 13.65
CA ILE B 7 -27.06 8.01 14.21
C ILE B 7 -26.46 6.62 14.12
N LEU B 8 -25.85 6.27 12.98
CA LEU B 8 -25.18 4.97 12.95
C LEU B 8 -24.12 4.91 14.03
N GLU B 9 -23.60 6.07 14.43
CA GLU B 9 -22.86 6.21 15.68
C GLU B 9 -23.56 5.43 16.77
N ARG B 10 -24.81 5.77 17.02
CA ARG B 10 -25.63 5.03 17.96
C ARG B 10 -25.72 3.57 17.56
N ILE B 11 -26.16 3.34 16.33
CA ILE B 11 -26.49 2.02 15.81
C ILE B 11 -25.35 1.06 16.03
N SER B 12 -24.14 1.58 16.18
CA SER B 12 -22.98 0.79 16.56
C SER B 12 -22.71 0.82 18.05
N LYS B 13 -22.87 1.99 18.68
CA LYS B 13 -22.46 2.19 20.06
C LYS B 13 -23.47 1.56 21.02
N ASN B 14 -24.72 1.96 20.91
CA ASN B 14 -25.77 1.41 21.75
C ASN B 14 -25.88 -0.09 21.48
N SER B 15 -26.37 -0.42 20.28
CA SER B 15 -26.33 -1.77 19.68
C SER B 15 -26.53 -2.92 20.67
N GLN B 16 -27.67 -2.88 21.37
CA GLN B 16 -28.29 -4.08 21.92
C GLN B 16 -27.32 -4.82 22.87
N GLU B 17 -26.99 -4.14 23.97
CA GLU B 17 -26.02 -4.63 24.95
C GLU B 17 -26.60 -5.63 25.93
N ASN B 18 -27.85 -6.06 25.73
CA ASN B 18 -28.45 -7.11 26.54
C ASN B 18 -28.61 -8.40 25.77
N ILE B 19 -29.16 -8.32 24.56
CA ILE B 19 -29.26 -9.49 23.67
C ILE B 19 -27.99 -9.49 22.84
N ASP B 20 -27.34 -10.65 22.81
CA ASP B 20 -26.00 -10.82 22.24
C ASP B 20 -25.79 -9.98 20.98
N GLU B 21 -24.73 -9.18 21.03
CA GLU B 21 -24.39 -8.18 20.03
C GLU B 21 -22.90 -7.89 20.03
N VAL B 22 -22.53 -6.65 19.74
CA VAL B 22 -21.23 -6.22 19.19
C VAL B 22 -20.04 -7.03 19.69
N PHE B 23 -19.22 -7.47 18.75
CA PHE B 23 -18.03 -8.26 18.98
C PHE B 23 -17.19 -7.67 20.11
N THR B 24 -17.06 -6.35 20.13
CA THR B 24 -16.26 -5.69 21.16
C THR B 24 -17.08 -5.50 22.43
N ARG B 25 -17.55 -6.62 22.98
CA ARG B 25 -18.12 -6.61 24.32
C ARG B 25 -17.04 -6.92 25.34
N LEU B 26 -15.78 -6.76 24.95
CA LEU B 26 -14.66 -7.23 25.75
C LEU B 26 -13.60 -6.14 25.90
N TYR B 27 -13.77 -5.02 25.21
CA TYR B 27 -12.69 -4.05 25.15
C TYR B 27 -13.18 -2.61 25.31
N ARG B 28 -14.49 -2.38 25.40
CA ARG B 28 -15.02 -1.05 25.14
C ARG B 28 -16.45 -0.96 25.67
N TYR B 29 -16.70 0.03 26.51
CA TYR B 29 -18.05 0.55 26.72
C TYR B 29 -17.92 2.05 26.82
N LEU B 30 -16.69 2.50 27.07
CA LEU B 30 -16.39 3.91 27.27
C LEU B 30 -15.40 4.47 26.26
N LEU B 31 -14.62 3.61 25.58
CA LEU B 31 -13.88 4.09 24.42
C LEU B 31 -14.81 4.52 23.31
N ARG B 32 -16.10 4.21 23.41
CA ARG B 32 -17.04 4.64 22.39
C ARG B 32 -17.25 6.15 22.41
N PRO B 33 -17.83 6.76 23.45
CA PRO B 33 -18.31 8.14 23.32
C PRO B 33 -17.29 9.14 22.82
N ASP B 34 -16.00 8.91 23.07
CA ASP B 34 -14.98 9.79 22.51
C ASP B 34 -15.07 9.81 20.98
N ILE B 35 -14.86 8.65 20.36
CA ILE B 35 -14.95 8.56 18.92
C ILE B 35 -16.37 8.86 18.46
N TYR B 36 -17.35 8.61 19.34
CA TYR B 36 -18.72 8.98 19.03
C TYR B 36 -18.82 10.46 18.73
N TYR B 37 -18.33 11.29 19.65
CA TYR B 37 -18.36 12.72 19.43
C TYR B 37 -17.40 13.13 18.32
N VAL B 38 -16.35 12.34 18.09
CA VAL B 38 -15.46 12.61 16.96
C VAL B 38 -16.24 12.58 15.66
N ALA B 39 -16.92 11.47 15.40
CA ALA B 39 -17.80 11.39 14.25
C ALA B 39 -18.90 12.43 14.33
N TYR B 40 -19.69 12.37 15.40
CA TYR B 40 -20.81 13.25 15.68
C TYR B 40 -20.55 14.69 15.29
N GLN B 41 -19.43 15.24 15.74
CA GLN B 41 -19.09 16.63 15.46
C GLN B 41 -17.69 16.83 14.94
N ASN B 42 -16.70 16.04 15.35
CA ASN B 42 -15.32 16.46 15.10
C ASN B 42 -14.87 16.12 13.69
N LEU B 43 -14.77 14.83 13.36
CA LEU B 43 -14.44 14.50 11.98
C LEU B 43 -15.59 14.88 11.07
N TYR B 44 -16.80 14.85 11.59
CA TYR B 44 -17.97 15.36 10.89
C TYR B 44 -18.81 16.19 11.83
N SER B 45 -18.77 17.50 11.63
CA SER B 45 -19.88 18.39 11.92
C SER B 45 -20.52 18.88 10.64
N ASN B 46 -19.70 19.03 9.59
CA ASN B 46 -20.12 19.55 8.30
C ASN B 46 -19.42 18.70 7.24
N LYS B 47 -20.10 17.64 6.79
CA LYS B 47 -19.51 16.74 5.81
C LYS B 47 -18.88 17.48 4.64
N GLY B 48 -19.55 18.52 4.14
CA GLY B 48 -18.97 19.30 3.05
C GLY B 48 -17.68 19.97 3.45
N ALA B 49 -17.55 20.32 4.73
CA ALA B 49 -16.30 20.88 5.24
C ALA B 49 -15.61 20.01 6.28
N SER B 50 -16.28 19.68 7.38
CA SER B 50 -15.69 18.87 8.44
C SER B 50 -15.62 17.44 7.93
N THR B 51 -14.46 17.06 7.41
CA THR B 51 -14.26 15.74 6.86
C THR B 51 -12.78 15.43 6.94
N LYS B 52 -12.44 14.15 6.84
CA LYS B 52 -11.10 13.76 6.39
C LYS B 52 -11.13 13.46 4.90
N GLY B 53 -11.69 14.38 4.12
CA GLY B 53 -12.09 14.06 2.76
C GLY B 53 -11.21 14.54 1.63
N ILE B 54 -11.84 14.84 0.50
CA ILE B 54 -11.17 14.76 -0.80
C ILE B 54 -10.42 16.04 -1.14
N LEU B 55 -10.97 17.22 -0.86
CA LEU B 55 -10.24 18.44 -1.16
C LEU B 55 -9.18 18.62 -0.09
N ASP B 56 -8.41 17.55 0.13
CA ASP B 56 -7.33 17.44 1.09
C ASP B 56 -7.88 17.41 2.52
N ASP B 57 -9.14 17.78 2.68
CA ASP B 57 -9.83 17.55 3.94
C ASP B 57 -11.28 17.16 3.72
N THR B 58 -11.84 17.45 2.55
CA THR B 58 -13.29 17.29 2.42
C THR B 58 -13.68 17.37 0.95
N ALA B 59 -14.97 17.45 0.67
CA ALA B 59 -15.48 17.81 -0.63
C ALA B 59 -15.73 19.32 -0.64
N ASP B 60 -16.43 19.77 -1.67
CA ASP B 60 -16.85 21.16 -1.73
C ASP B 60 -17.75 21.48 -0.53
N GLY B 61 -17.78 22.76 -0.15
CA GLY B 61 -18.50 23.16 1.03
C GLY B 61 -19.98 22.84 0.98
N PHE B 62 -20.40 21.84 1.75
CA PHE B 62 -21.80 21.42 1.83
C PHE B 62 -22.22 21.47 3.29
N SER B 63 -23.37 22.07 3.57
CA SER B 63 -23.73 22.29 4.95
C SER B 63 -24.07 20.94 5.56
N GLU B 64 -23.03 20.27 6.06
CA GLU B 64 -23.08 18.86 6.40
C GLU B 64 -23.88 18.11 5.33
N GLU B 65 -23.39 18.23 4.11
CA GLU B 65 -24.08 17.80 2.89
C GLU B 65 -25.42 18.52 2.75
N LYS B 66 -25.28 19.80 2.41
CA LYS B 66 -26.38 20.77 2.32
C LYS B 66 -27.64 20.21 1.68
N ILE B 67 -27.50 19.15 0.88
CA ILE B 67 -28.63 18.55 0.19
C ILE B 67 -29.06 17.25 0.86
N LYS B 68 -28.20 16.24 0.86
CA LYS B 68 -28.66 14.90 1.22
C LYS B 68 -28.40 14.58 2.68
N LYS B 69 -27.14 14.54 3.09
CA LYS B 69 -26.82 14.12 4.45
C LYS B 69 -27.10 15.26 5.41
N ILE B 70 -27.92 16.21 4.98
CA ILE B 70 -28.82 16.87 5.88
C ILE B 70 -29.46 15.79 6.74
N ILE B 71 -29.82 14.68 6.10
CA ILE B 71 -30.48 13.55 6.75
C ILE B 71 -29.91 12.28 6.16
N GLN B 72 -30.02 11.19 6.91
CA GLN B 72 -29.69 9.89 6.35
C GLN B 72 -30.77 8.85 6.57
N SER B 73 -31.43 8.87 7.74
CA SER B 73 -32.26 7.76 8.19
C SER B 73 -33.25 7.30 7.13
N LEU B 74 -33.91 8.25 6.45
CA LEU B 74 -35.00 7.93 5.55
C LEU B 74 -34.53 7.22 4.28
N LYS B 75 -33.23 6.93 4.21
CA LYS B 75 -32.61 6.33 3.03
C LYS B 75 -32.75 7.26 1.82
N ASP B 76 -32.41 8.52 2.05
CA ASP B 76 -32.39 9.46 0.95
C ASP B 76 -31.37 9.04 -0.10
N GLY B 77 -30.14 8.76 0.31
CA GLY B 77 -29.18 8.10 -0.55
C GLY B 77 -29.21 6.60 -0.28
N THR B 78 -30.36 5.99 -0.55
CA THR B 78 -30.76 4.73 0.09
C THR B 78 -29.72 3.61 0.11
N TYR B 79 -29.38 3.05 -1.04
CA TYR B 79 -28.54 1.85 -1.09
C TYR B 79 -27.55 2.02 -2.25
N TYR B 80 -27.14 3.27 -2.43
CA TYR B 80 -26.48 3.72 -3.64
C TYR B 80 -25.47 2.69 -4.13
N PRO B 81 -25.56 2.26 -5.38
CA PRO B 81 -24.60 1.27 -5.87
C PRO B 81 -23.36 1.90 -6.45
N GLN B 82 -23.52 3.10 -7.03
CA GLN B 82 -22.51 3.76 -7.82
C GLN B 82 -21.85 2.74 -8.74
N PRO B 83 -22.51 2.37 -9.85
CA PRO B 83 -22.07 1.23 -10.67
C PRO B 83 -20.55 1.16 -10.81
N VAL B 84 -20.00 0.07 -10.31
CA VAL B 84 -18.57 -0.04 -10.01
C VAL B 84 -17.86 -0.57 -11.25
N ARG B 85 -17.23 0.32 -11.98
CA ARG B 85 -16.43 -0.07 -13.13
C ARG B 85 -15.08 -0.61 -12.66
N ARG B 86 -14.59 -1.64 -13.35
CA ARG B 86 -13.27 -2.16 -13.07
C ARG B 86 -12.22 -1.10 -13.41
N MET B 87 -11.41 -0.76 -12.41
CA MET B 87 -10.41 0.30 -12.55
C MET B 87 -9.48 0.24 -11.35
N TYR B 88 -8.19 0.37 -11.60
CA TYR B 88 -7.20 0.28 -10.53
C TYR B 88 -5.97 1.08 -10.90
N ILE B 89 -5.10 1.28 -9.91
CA ILE B 89 -3.90 2.08 -10.06
C ILE B 89 -2.72 1.28 -9.52
N ALA B 90 -1.68 1.14 -10.34
CA ALA B 90 -0.43 0.50 -9.92
C ALA B 90 0.62 1.58 -9.74
N LYS B 91 1.41 1.48 -8.68
CA LYS B 91 2.46 2.43 -8.37
C LYS B 91 3.82 1.87 -8.75
N LYS B 92 4.77 2.77 -9.00
CA LYS B 92 6.01 2.43 -9.68
C LYS B 92 6.99 1.66 -8.81
N ASN B 93 6.59 1.18 -7.64
CA ASN B 93 7.49 0.44 -6.78
C ASN B 93 6.68 -0.37 -5.79
N SER B 94 7.35 -1.31 -5.13
CA SER B 94 6.81 -1.98 -3.96
C SER B 94 5.39 -2.47 -4.23
N LYS B 95 5.33 -3.49 -5.07
CA LYS B 95 4.13 -3.87 -5.80
C LYS B 95 2.88 -3.83 -4.93
N LYS B 96 1.99 -2.89 -5.25
CA LYS B 96 0.65 -2.90 -4.72
C LYS B 96 -0.20 -2.02 -5.63
N MET B 97 -1.06 -2.63 -6.42
CA MET B 97 -2.04 -1.85 -7.14
C MET B 97 -2.92 -1.11 -6.14
N ARG B 98 -3.74 -0.20 -6.65
CA ARG B 98 -4.54 0.62 -5.76
C ARG B 98 -6.03 0.37 -5.98
N PRO B 99 -6.75 -0.14 -4.98
CA PRO B 99 -8.20 -0.29 -5.12
C PRO B 99 -8.91 1.05 -5.16
N LEU B 100 -9.40 1.45 -6.33
CA LEU B 100 -10.01 2.77 -6.45
C LEU B 100 -11.10 2.73 -7.51
N GLY B 101 -11.98 3.72 -7.44
CA GLY B 101 -13.09 3.86 -8.36
C GLY B 101 -13.70 5.24 -8.25
N ILE B 102 -14.61 5.54 -9.16
CA ILE B 102 -15.20 6.87 -9.35
C ILE B 102 -15.86 7.34 -8.06
N PRO B 103 -15.29 8.31 -7.36
CA PRO B 103 -15.95 8.86 -6.17
C PRO B 103 -16.85 10.04 -6.51
N THR B 104 -18.09 9.97 -6.03
CA THR B 104 -19.06 11.03 -6.22
C THR B 104 -19.30 11.70 -4.88
N PHE B 105 -19.95 12.86 -4.90
CA PHE B 105 -20.33 13.55 -3.67
C PHE B 105 -20.77 12.57 -2.61
N THR B 106 -21.65 11.64 -3.00
CA THR B 106 -21.98 10.53 -2.10
C THR B 106 -20.70 9.87 -1.59
N ASP B 107 -19.91 9.28 -2.48
CA ASP B 107 -18.68 8.66 -2.04
C ASP B 107 -17.74 9.67 -1.41
N LYS B 108 -17.76 10.91 -1.91
CA LYS B 108 -16.91 11.94 -1.35
C LYS B 108 -17.08 12.05 0.15
N LEU B 109 -18.16 11.48 0.68
CA LEU B 109 -18.35 11.46 2.11
C LEU B 109 -18.51 10.05 2.66
N ILE B 110 -18.95 9.09 1.84
CA ILE B 110 -18.84 7.69 2.22
C ILE B 110 -17.42 7.40 2.66
N GLN B 111 -16.47 8.13 2.09
CA GLN B 111 -15.08 7.99 2.48
C GLN B 111 -14.97 8.14 3.98
N GLU B 112 -15.28 9.33 4.49
CA GLU B 112 -15.22 9.49 5.94
C GLU B 112 -16.20 8.61 6.66
N ALA B 113 -17.30 8.24 6.01
CA ALA B 113 -18.28 7.37 6.66
C ALA B 113 -17.64 6.05 7.05
N VAL B 114 -17.06 5.39 6.07
CA VAL B 114 -16.38 4.15 6.37
C VAL B 114 -15.11 4.42 7.15
N ARG B 115 -14.56 5.62 7.08
CA ARG B 115 -13.46 5.94 7.96
C ARG B 115 -13.93 5.91 9.40
N ILE B 116 -15.15 6.38 9.61
CA ILE B 116 -15.81 6.34 10.90
C ILE B 116 -15.91 4.90 11.33
N ILE B 117 -16.47 4.08 10.46
CA ILE B 117 -16.64 2.69 10.88
C ILE B 117 -15.28 2.04 11.08
N LEU B 118 -14.27 2.56 10.41
CA LEU B 118 -12.90 2.12 10.66
C LEU B 118 -12.48 2.43 12.09
N GLU B 119 -12.59 3.69 12.47
CA GLU B 119 -12.21 4.05 13.83
C GLU B 119 -13.06 3.30 14.85
N SER B 120 -14.28 2.94 14.46
CA SER B 120 -15.10 2.06 15.28
C SER B 120 -14.40 0.71 15.45
N ILE B 121 -14.00 0.10 14.35
CA ILE B 121 -13.29 -1.17 14.36
C ILE B 121 -11.86 -0.89 14.77
N TYR B 122 -11.59 0.33 15.22
CA TYR B 122 -10.22 0.66 15.56
C TYR B 122 -9.94 0.66 17.05
N GLU B 123 -10.70 1.42 17.84
CA GLU B 123 -10.11 2.04 19.03
C GLU B 123 -9.62 1.02 20.06
N PRO B 124 -10.46 0.24 20.78
CA PRO B 124 -9.90 -0.96 21.40
C PRO B 124 -10.11 -2.17 20.51
N VAL B 125 -9.87 -2.03 19.21
CA VAL B 125 -10.17 -3.10 18.26
C VAL B 125 -8.99 -3.36 17.32
N PHE B 126 -8.52 -2.32 16.64
CA PHE B 126 -7.71 -2.50 15.45
C PHE B 126 -6.27 -2.87 15.78
N GLU B 127 -5.47 -2.99 14.73
CA GLU B 127 -4.03 -2.88 14.79
C GLU B 127 -3.54 -2.52 13.40
N ASP B 128 -2.53 -1.65 13.32
CA ASP B 128 -1.87 -1.34 12.06
C ASP B 128 -2.76 -0.75 10.97
N VAL B 129 -3.03 0.55 11.04
CA VAL B 129 -3.46 1.28 9.85
C VAL B 129 -2.52 0.91 8.71
N SER B 130 -2.93 1.22 7.47
CA SER B 130 -2.82 0.35 6.30
C SER B 130 -1.49 -0.37 6.10
N HIS B 131 -1.49 -1.32 5.17
CA HIS B 131 -0.81 -2.61 5.26
C HIS B 131 0.49 -2.63 6.05
N GLY B 132 0.57 -3.62 6.91
CA GLY B 132 1.67 -3.82 7.83
C GLY B 132 1.14 -4.48 9.09
N PHE B 133 2.03 -4.68 10.04
CA PHE B 133 1.57 -4.95 11.39
C PHE B 133 2.00 -3.86 12.35
N ARG B 134 3.02 -3.08 11.97
CA ARG B 134 3.50 -1.95 12.75
C ARG B 134 2.95 -0.67 12.12
N PRO B 135 1.80 -0.15 12.62
CA PRO B 135 1.00 0.80 11.83
C PRO B 135 1.79 1.88 11.10
N GLN B 136 1.72 1.80 9.79
CA GLN B 136 2.41 2.67 8.88
C GLN B 136 1.44 3.71 8.35
N ARG B 137 1.95 4.69 7.61
CA ARG B 137 1.10 5.69 6.98
C ARG B 137 1.22 5.70 5.46
N SER B 138 2.29 5.15 4.90
CA SER B 138 2.36 4.91 3.46
C SER B 138 3.16 3.64 3.22
N CYS B 139 2.85 2.97 2.12
CA CYS B 139 3.67 1.86 1.66
C CYS B 139 5.12 2.26 1.74
N HIS B 140 5.44 3.42 1.18
CA HIS B 140 6.77 3.99 1.29
C HIS B 140 7.25 4.10 2.71
N THR B 141 6.41 4.59 3.62
CA THR B 141 6.76 4.54 5.03
C THR B 141 6.83 3.10 5.50
N ALA B 142 5.82 2.31 5.15
CA ALA B 142 5.89 0.88 5.41
C ALA B 142 7.20 0.33 4.87
N LEU B 143 7.58 0.76 3.66
CA LEU B 143 8.83 0.50 2.95
C LEU B 143 10.00 0.99 3.68
N LYS B 144 9.82 1.89 4.62
CA LYS B 144 10.92 2.26 5.49
C LYS B 144 10.99 1.38 6.73
N THR B 145 9.83 1.08 7.30
CA THR B 145 9.76 0.60 8.68
C THR B 145 9.75 -0.92 8.83
N ILE B 146 8.96 -1.62 8.04
CA ILE B 146 8.54 -2.94 8.45
C ILE B 146 9.60 -4.02 8.30
N LYS B 147 10.72 -3.71 7.65
CA LYS B 147 11.52 -4.79 7.06
C LYS B 147 12.47 -5.45 8.06
N ARG B 148 13.47 -4.70 8.52
CA ARG B 148 14.69 -5.29 9.08
C ARG B 148 14.59 -5.27 10.59
N GLU B 149 13.97 -6.31 11.15
CA GLU B 149 13.85 -6.38 12.60
C GLU B 149 14.12 -7.76 13.19
N PHE B 150 14.19 -8.83 12.41
CA PHE B 150 14.25 -10.15 13.01
C PHE B 150 15.00 -11.14 12.14
N GLY B 151 15.75 -12.02 12.80
CA GLY B 151 16.56 -13.05 12.15
C GLY B 151 16.48 -14.39 12.85
N GLY B 152 15.31 -14.75 13.37
CA GLY B 152 15.11 -15.93 14.20
C GLY B 152 15.81 -17.21 13.77
N ALA B 153 15.47 -17.75 12.60
CA ALA B 153 16.16 -18.89 12.02
C ALA B 153 15.79 -19.00 10.56
N ARG B 154 16.69 -19.58 9.77
CA ARG B 154 16.87 -19.20 8.37
C ARG B 154 15.79 -19.72 7.42
N TRP B 155 16.07 -19.64 6.12
CA TRP B 155 15.22 -20.14 5.03
C TRP B 155 13.94 -19.34 4.80
N PHE B 156 14.09 -18.12 4.27
CA PHE B 156 12.98 -17.17 4.18
C PHE B 156 11.91 -17.61 3.17
N VAL B 157 10.86 -16.79 3.05
CA VAL B 157 9.59 -17.14 2.42
C VAL B 157 9.24 -16.12 1.33
N GLU B 158 8.19 -16.44 0.57
CA GLU B 158 7.58 -15.56 -0.42
C GLU B 158 6.06 -15.57 -0.25
N GLY B 159 5.35 -14.92 -1.17
CA GLY B 159 3.89 -14.88 -1.15
C GLY B 159 3.28 -14.47 -2.48
N ASP B 160 2.18 -15.10 -2.91
CA ASP B 160 1.79 -15.01 -4.31
C ASP B 160 0.43 -14.34 -4.57
N ILE B 161 -0.68 -14.88 -4.05
CA ILE B 161 -1.95 -14.74 -4.77
C ILE B 161 -2.59 -13.39 -4.50
N LYS B 162 -3.56 -13.04 -5.35
CA LYS B 162 -4.16 -11.70 -5.34
C LYS B 162 -5.41 -11.64 -4.47
N GLY B 163 -6.47 -12.36 -4.89
CA GLY B 163 -7.72 -12.38 -4.15
C GLY B 163 -8.22 -11.06 -3.60
N CYS B 164 -7.80 -9.95 -4.20
CA CYS B 164 -8.05 -8.63 -3.64
C CYS B 164 -8.79 -7.70 -4.57
N PHE B 165 -8.68 -7.90 -5.89
CA PHE B 165 -9.50 -7.20 -6.86
C PHE B 165 -10.27 -8.16 -7.75
N ASP B 166 -9.95 -9.44 -7.70
CA ASP B 166 -10.42 -10.47 -8.61
C ASP B 166 -11.35 -11.47 -7.96
N ASN B 167 -11.03 -11.91 -6.75
CA ASN B 167 -11.78 -12.93 -6.04
C ASN B 167 -12.14 -12.39 -4.67
N ILE B 168 -13.41 -12.51 -4.28
CA ILE B 168 -13.88 -11.99 -3.01
C ILE B 168 -15.15 -12.71 -2.58
N ASP B 169 -15.42 -12.64 -1.29
CA ASP B 169 -16.71 -13.07 -0.75
C ASP B 169 -17.70 -11.91 -0.75
N HIS B 170 -17.34 -10.82 -0.07
CA HIS B 170 -18.10 -9.59 -0.01
C HIS B 170 -19.41 -9.79 0.74
N VAL B 171 -19.75 -11.02 1.08
CA VAL B 171 -21.01 -11.32 1.74
C VAL B 171 -20.77 -11.79 3.17
N THR B 172 -19.92 -12.80 3.36
CA THR B 172 -19.41 -13.03 4.70
C THR B 172 -18.65 -11.80 5.19
N LEU B 173 -17.98 -11.12 4.27
CA LEU B 173 -17.36 -9.83 4.56
C LEU B 173 -18.33 -8.91 5.29
N ILE B 174 -19.42 -8.54 4.63
CA ILE B 174 -20.31 -7.56 5.22
C ILE B 174 -21.04 -8.16 6.41
N GLY B 175 -21.29 -9.47 6.41
CA GLY B 175 -21.98 -10.08 7.52
C GLY B 175 -21.22 -10.08 8.82
N LEU B 176 -20.10 -10.81 8.85
CA LEU B 176 -19.28 -10.93 10.05
C LEU B 176 -19.09 -9.61 10.77
N ILE B 177 -18.94 -8.53 10.01
CA ILE B 177 -18.84 -7.21 10.60
C ILE B 177 -20.21 -6.60 10.90
N ASN B 178 -21.25 -6.99 10.18
CA ASN B 178 -22.60 -6.50 10.45
C ASN B 178 -23.17 -7.02 11.76
N LEU B 179 -22.60 -8.10 12.30
CA LEU B 179 -23.18 -8.69 13.50
C LEU B 179 -23.16 -7.77 14.72
N LYS B 180 -22.61 -6.56 14.58
CA LYS B 180 -22.45 -5.64 15.71
C LYS B 180 -23.29 -4.38 15.59
N ILE B 181 -23.17 -3.63 14.49
CA ILE B 181 -23.97 -2.42 14.29
C ILE B 181 -25.27 -2.73 13.53
N LYS B 182 -25.19 -3.61 12.55
CA LYS B 182 -26.39 -4.15 11.95
C LYS B 182 -26.94 -5.16 12.94
N ASP B 183 -27.46 -4.66 14.06
CA ASP B 183 -27.81 -5.51 15.18
C ASP B 183 -28.81 -6.57 14.75
N MET B 184 -28.74 -7.73 15.38
CA MET B 184 -29.67 -8.80 15.09
C MET B 184 -31.10 -8.32 15.24
N LYS B 185 -31.28 -7.29 16.06
CA LYS B 185 -32.59 -6.71 16.27
C LYS B 185 -32.47 -5.20 16.36
N MET B 186 -33.36 -4.50 15.65
CA MET B 186 -33.57 -3.06 15.83
C MET B 186 -32.36 -2.22 15.40
N SER B 187 -31.71 -2.63 14.31
CA SER B 187 -30.73 -1.76 13.68
C SER B 187 -30.57 -2.19 12.23
N GLN B 188 -31.16 -1.44 11.31
CA GLN B 188 -31.27 -1.87 9.92
C GLN B 188 -30.99 -0.70 8.97
N LEU B 189 -30.00 0.12 9.29
CA LEU B 189 -29.50 1.15 8.37
C LEU B 189 -27.98 1.06 8.30
N ILE B 190 -27.47 -0.12 8.04
CA ILE B 190 -26.04 -0.34 8.22
C ILE B 190 -25.36 -0.69 6.92
N TYR B 191 -25.68 -1.85 6.36
CA TYR B 191 -24.91 -2.39 5.25
C TYR B 191 -25.21 -1.72 3.93
N LYS B 192 -25.91 -0.60 3.95
CA LYS B 192 -26.56 -0.04 2.77
C LYS B 192 -25.61 0.18 1.61
N PHE B 193 -24.31 0.30 1.90
CA PHE B 193 -23.31 0.43 0.85
C PHE B 193 -22.10 -0.43 1.09
N LEU B 194 -21.87 -0.84 2.34
CA LEU B 194 -21.00 -1.99 2.61
C LEU B 194 -21.28 -3.09 1.60
N LYS B 195 -22.54 -3.49 1.50
CA LYS B 195 -22.96 -4.24 0.33
C LYS B 195 -22.72 -3.45 -0.94
N ALA B 196 -23.29 -2.26 -1.04
CA ALA B 196 -23.69 -1.70 -2.32
C ALA B 196 -22.53 -1.15 -3.15
N GLY B 197 -21.32 -1.61 -2.91
CA GLY B 197 -20.25 -1.26 -3.83
C GLY B 197 -20.41 -1.95 -5.17
N TYR B 198 -21.54 -1.75 -5.82
CA TYR B 198 -22.06 -2.65 -6.84
C TYR B 198 -21.23 -2.59 -8.11
N LEU B 199 -20.49 -3.67 -8.39
CA LEU B 199 -19.57 -3.67 -9.51
C LEU B 199 -20.31 -3.66 -10.84
N GLU B 200 -19.70 -3.02 -11.82
CA GLU B 200 -20.32 -2.72 -13.12
C GLU B 200 -19.37 -3.20 -14.22
N ASN B 201 -19.46 -4.49 -14.53
CA ASN B 201 -18.88 -5.05 -15.75
C ASN B 201 -19.79 -6.18 -16.29
N TRP B 202 -21.10 -5.92 -16.31
CA TRP B 202 -22.15 -6.89 -16.66
C TRP B 202 -22.31 -7.93 -15.56
N GLN B 203 -21.47 -7.88 -14.54
CA GLN B 203 -21.51 -8.79 -13.41
C GLN B 203 -22.14 -8.08 -12.22
N TYR B 204 -22.75 -8.85 -11.32
CA TYR B 204 -23.51 -8.24 -10.23
C TYR B 204 -23.06 -8.69 -8.84
N HIS B 205 -21.76 -8.65 -8.56
CA HIS B 205 -21.27 -8.64 -7.19
C HIS B 205 -21.06 -7.19 -6.78
N LYS B 206 -20.53 -6.94 -5.58
CA LYS B 206 -20.42 -5.57 -5.12
C LYS B 206 -19.20 -5.39 -4.25
N THR B 207 -18.85 -4.11 -4.06
CA THR B 207 -17.87 -3.67 -3.08
C THR B 207 -16.53 -4.35 -3.28
N TYR B 208 -16.22 -4.69 -4.52
CA TYR B 208 -14.98 -5.40 -4.77
C TYR B 208 -14.15 -4.84 -5.92
N SER B 209 -14.80 -4.40 -7.00
CA SER B 209 -14.10 -4.07 -8.23
C SER B 209 -13.54 -2.65 -8.20
N GLY B 210 -12.77 -2.38 -7.15
CA GLY B 210 -12.29 -1.03 -6.91
C GLY B 210 -13.46 -0.08 -6.95
N THR B 211 -14.36 -0.23 -5.96
CA THR B 211 -15.71 0.28 -6.01
C THR B 211 -15.82 1.82 -6.09
N PRO B 212 -16.27 2.38 -7.22
CA PRO B 212 -16.77 3.76 -7.23
C PRO B 212 -17.80 4.08 -6.17
N GLN B 213 -18.51 3.08 -5.62
CA GLN B 213 -19.39 3.35 -4.50
C GLN B 213 -18.61 3.93 -3.33
N GLY B 214 -17.58 3.22 -2.88
CA GLY B 214 -16.58 3.87 -2.05
C GLY B 214 -15.18 3.72 -2.61
N GLY B 215 -14.64 4.79 -3.17
CA GLY B 215 -13.45 4.64 -4.00
C GLY B 215 -12.16 4.69 -3.22
N ILE B 216 -11.94 5.81 -2.53
CA ILE B 216 -10.72 5.96 -1.76
C ILE B 216 -10.77 5.04 -0.56
N LEU B 217 -11.93 4.46 -0.28
CA LEU B 217 -12.11 3.54 0.81
C LEU B 217 -12.19 2.09 0.35
N SER B 218 -12.26 1.86 -0.95
CA SER B 218 -11.94 0.53 -1.45
C SER B 218 -10.64 0.01 -0.84
N PRO B 219 -9.57 0.79 -0.72
CA PRO B 219 -8.44 0.31 0.08
C PRO B 219 -8.83 0.05 1.51
N LEU B 220 -9.75 0.83 2.08
CA LEU B 220 -10.11 0.61 3.47
C LEU B 220 -10.70 -0.78 3.65
N LEU B 221 -11.69 -1.12 2.84
CA LEU B 221 -12.30 -2.43 2.96
C LEU B 221 -11.32 -3.53 2.57
N ALA B 222 -10.45 -3.27 1.60
CA ALA B 222 -9.46 -4.27 1.23
C ALA B 222 -8.56 -4.56 2.42
N ASN B 223 -8.04 -3.50 3.04
CA ASN B 223 -7.26 -3.64 4.26
C ASN B 223 -8.04 -4.38 5.32
N ILE B 224 -9.33 -4.11 5.39
CA ILE B 224 -10.16 -4.78 6.38
C ILE B 224 -10.10 -6.29 6.15
N TYR B 225 -10.47 -6.72 4.95
CA TYR B 225 -10.51 -8.15 4.68
C TYR B 225 -9.14 -8.78 4.85
N LEU B 226 -8.09 -8.03 4.50
CA LEU B 226 -6.74 -8.53 4.73
C LEU B 226 -6.50 -8.71 6.23
N HIS B 227 -6.95 -7.76 7.02
CA HIS B 227 -6.86 -7.87 8.47
C HIS B 227 -7.59 -9.12 8.93
N GLU B 228 -8.65 -9.48 8.22
CA GLU B 228 -9.35 -10.72 8.55
C GLU B 228 -8.46 -11.92 8.28
N LEU B 229 -7.81 -11.94 7.12
CA LEU B 229 -6.80 -12.97 6.86
C LEU B 229 -5.88 -13.10 8.04
N ASP B 230 -5.38 -11.98 8.53
CA ASP B 230 -4.42 -12.06 9.61
C ASP B 230 -5.08 -12.44 10.93
N LYS B 231 -6.39 -12.20 11.07
CA LYS B 231 -7.12 -12.62 12.25
C LYS B 231 -7.00 -14.11 12.50
N PHE B 232 -6.50 -14.86 11.52
CA PHE B 232 -6.26 -16.27 11.68
C PHE B 232 -4.89 -16.66 11.19
N VAL B 233 -4.16 -15.74 10.58
CA VAL B 233 -2.71 -15.81 10.62
C VAL B 233 -2.32 -15.89 12.10
N LEU B 234 -3.21 -15.39 12.96
CA LEU B 234 -3.01 -15.50 14.39
C LEU B 234 -2.81 -16.95 14.82
N GLN B 235 -3.82 -17.79 14.63
CA GLN B 235 -3.75 -19.16 15.12
C GLN B 235 -2.53 -19.88 14.58
N LEU B 236 -2.16 -19.59 13.33
CA LEU B 236 -0.99 -20.26 12.79
C LEU B 236 0.28 -19.74 13.45
N LYS B 237 0.35 -18.44 13.74
CA LYS B 237 1.51 -17.94 14.45
C LYS B 237 1.57 -18.53 15.84
N MET B 238 0.41 -18.91 16.39
CA MET B 238 0.39 -19.68 17.61
C MET B 238 1.04 -21.04 17.40
N LYS B 239 0.62 -21.76 16.36
CA LYS B 239 1.21 -23.06 16.08
C LYS B 239 2.64 -22.97 15.57
N PHE B 240 3.14 -21.77 15.30
CA PHE B 240 4.20 -21.55 14.31
C PHE B 240 5.63 -21.53 14.83
N ASP B 241 5.99 -20.53 15.61
CA ASP B 241 7.40 -20.43 15.99
C ASP B 241 7.66 -21.17 17.29
N ARG B 242 7.21 -22.42 17.32
CA ARG B 242 7.41 -23.31 18.44
C ARG B 242 8.76 -24.00 18.33
N GLU B 243 9.01 -24.64 17.18
CA GLU B 243 10.30 -25.23 16.89
C GLU B 243 11.02 -24.56 15.73
N SER B 244 10.33 -23.71 14.95
CA SER B 244 11.02 -22.97 13.90
C SER B 244 12.16 -22.14 14.45
N PRO B 245 12.09 -21.54 15.65
CA PRO B 245 13.30 -20.98 16.24
C PRO B 245 14.08 -22.04 16.99
N GLU B 246 14.20 -23.23 16.42
CA GLU B 246 15.12 -24.22 16.97
C GLU B 246 15.90 -25.02 15.93
N ARG B 247 15.43 -25.15 14.70
CA ARG B 247 16.05 -26.09 13.76
C ARG B 247 17.41 -25.61 13.28
N ILE B 248 17.69 -24.31 13.34
CA ILE B 248 18.96 -23.78 12.87
C ILE B 248 19.68 -22.94 13.91
N THR B 249 18.98 -22.44 14.93
CA THR B 249 19.41 -21.36 15.83
C THR B 249 20.82 -21.41 16.42
N PRO B 250 21.40 -22.57 16.74
CA PRO B 250 22.75 -22.55 17.32
C PRO B 250 23.76 -21.81 16.45
N GLU B 251 24.53 -20.94 17.10
CA GLU B 251 25.53 -20.11 16.42
C GLU B 251 26.95 -20.55 16.76
N LYS B 302 7.19 -11.93 12.86
CA LYS B 302 7.27 -11.11 11.67
C LYS B 302 6.49 -11.76 10.52
N TYR B 303 5.23 -12.09 10.78
CA TYR B 303 4.37 -12.36 9.64
C TYR B 303 4.16 -11.06 8.87
N VAL B 304 4.50 -11.09 7.59
CA VAL B 304 4.43 -9.90 6.76
C VAL B 304 2.97 -9.61 6.46
N ARG B 305 2.57 -8.37 6.69
CA ARG B 305 1.37 -7.82 6.07
C ARG B 305 1.83 -6.78 5.06
N TYR B 306 2.03 -7.21 3.83
CA TYR B 306 2.04 -6.26 2.73
C TYR B 306 0.59 -5.88 2.45
N ALA B 307 0.37 -5.17 1.35
CA ALA B 307 -0.96 -5.12 0.78
C ALA B 307 -1.09 -6.07 -0.40
N ASP B 308 -0.03 -6.81 -0.72
CA ASP B 308 -0.12 -7.86 -1.75
C ASP B 308 0.56 -9.18 -1.40
N ASP B 309 1.52 -9.22 -0.48
CA ASP B 309 2.31 -10.43 -0.26
C ASP B 309 2.61 -10.59 1.23
N PHE B 310 2.80 -11.83 1.67
CA PHE B 310 2.80 -12.09 3.10
C PHE B 310 3.67 -13.30 3.43
N ILE B 311 4.72 -13.08 4.20
CA ILE B 311 5.52 -14.18 4.73
C ILE B 311 5.60 -14.00 6.23
N ILE B 312 6.34 -14.87 6.91
CA ILE B 312 6.16 -15.08 8.34
C ILE B 312 7.46 -14.85 9.09
N SER B 313 7.37 -15.10 10.40
CA SER B 313 8.49 -15.06 11.33
C SER B 313 9.29 -16.35 11.21
N VAL B 314 10.04 -16.70 12.24
CA VAL B 314 11.14 -17.66 12.21
C VAL B 314 10.86 -18.91 11.37
N LYS B 315 11.89 -19.39 10.67
CA LYS B 315 11.82 -20.54 9.78
C LYS B 315 13.01 -21.43 10.08
N GLY B 316 13.32 -22.33 9.15
CA GLY B 316 14.57 -23.07 9.25
C GLY B 316 14.56 -24.52 8.81
N SER B 317 13.42 -25.20 8.89
CA SER B 317 13.30 -26.56 8.38
C SER B 317 12.55 -26.53 7.05
N LYS B 318 12.16 -27.69 6.55
CA LYS B 318 11.41 -27.79 5.30
C LYS B 318 10.04 -28.44 5.45
N GLU B 319 9.95 -29.52 6.25
CA GLU B 319 8.63 -30.07 6.54
C GLU B 319 7.73 -29.02 7.16
N ASP B 320 8.32 -28.07 7.88
CA ASP B 320 7.56 -26.92 8.35
C ASP B 320 7.02 -26.11 7.18
N CYS B 321 7.83 -25.91 6.14
CA CYS B 321 7.35 -25.22 4.95
C CYS B 321 6.17 -25.95 4.35
N GLN B 322 6.23 -27.28 4.38
CA GLN B 322 5.09 -28.07 3.97
C GLN B 322 3.87 -27.73 4.83
N TRP B 323 4.06 -27.70 6.15
CA TRP B 323 2.99 -27.26 7.04
C TRP B 323 2.46 -25.90 6.61
N ILE B 324 3.36 -24.98 6.31
CA ILE B 324 2.97 -23.63 5.93
C ILE B 324 2.01 -23.67 4.76
N LYS B 325 2.48 -24.19 3.64
CA LYS B 325 1.66 -24.10 2.44
C LYS B 325 0.42 -24.98 2.56
N GLU B 326 0.48 -26.06 3.34
CA GLU B 326 -0.68 -26.92 3.46
C GLU B 326 -1.77 -26.26 4.29
N GLN B 327 -1.41 -25.60 5.39
CA GLN B 327 -2.41 -24.85 6.13
C GLN B 327 -2.91 -23.66 5.32
N LEU B 328 -1.99 -23.01 4.60
CA LEU B 328 -2.36 -21.99 3.63
C LEU B 328 -3.54 -22.49 2.79
N LYS B 329 -3.32 -23.61 2.11
CA LYS B 329 -4.37 -24.24 1.33
C LYS B 329 -5.60 -24.53 2.18
N LEU B 330 -5.39 -24.97 3.43
CA LEU B 330 -6.51 -25.33 4.29
C LEU B 330 -7.49 -24.18 4.43
N PHE B 331 -6.99 -22.96 4.50
CA PHE B 331 -7.90 -21.82 4.57
C PHE B 331 -7.84 -20.86 3.39
N ILE B 332 -6.92 -21.06 2.44
CA ILE B 332 -6.80 -20.09 1.35
C ILE B 332 -8.10 -19.96 0.58
N HIS B 333 -8.77 -21.08 0.33
CA HIS B 333 -10.12 -21.04 -0.22
C HIS B 333 -11.14 -20.93 0.88
N ASN B 334 -10.96 -21.75 1.92
CA ASN B 334 -11.83 -21.74 3.08
C ASN B 334 -12.08 -20.33 3.61
N LYS B 335 -11.19 -19.39 3.31
CA LYS B 335 -11.45 -17.99 3.67
C LYS B 335 -11.57 -17.09 2.46
N LEU B 336 -10.55 -17.00 1.60
CA LEU B 336 -10.58 -16.00 0.53
C LEU B 336 -11.51 -16.37 -0.59
N LYS B 337 -11.40 -17.61 -1.06
CA LYS B 337 -11.89 -18.13 -2.32
C LYS B 337 -10.94 -17.79 -3.46
N MET B 338 -9.85 -17.08 -3.21
CA MET B 338 -8.68 -17.18 -4.06
C MET B 338 -7.63 -17.98 -3.32
N GLU B 339 -6.88 -18.79 -4.07
CA GLU B 339 -6.11 -19.89 -3.51
C GLU B 339 -4.66 -19.80 -3.93
N LEU B 340 -3.80 -20.44 -3.13
CA LEU B 340 -2.37 -20.53 -3.38
C LEU B 340 -2.07 -20.76 -4.85
N SER B 341 -1.21 -19.95 -5.40
CA SER B 341 -0.63 -20.25 -6.69
C SER B 341 0.75 -20.86 -6.48
N GLU B 342 1.11 -21.76 -7.39
CA GLU B 342 2.47 -22.31 -7.49
C GLU B 342 2.98 -22.82 -6.14
N GLU B 343 2.08 -23.19 -5.23
CA GLU B 343 2.48 -23.80 -3.97
C GLU B 343 3.43 -22.87 -3.22
N LYS B 344 2.84 -21.81 -2.69
CA LYS B 344 3.34 -20.45 -2.88
C LYS B 344 4.84 -20.38 -3.13
N THR B 345 5.67 -20.92 -2.25
CA THR B 345 7.09 -20.85 -2.52
C THR B 345 7.88 -22.10 -2.15
N LEU B 346 7.27 -23.11 -1.55
CA LEU B 346 8.01 -24.26 -1.03
C LEU B 346 9.25 -23.77 -0.27
N ILE B 347 8.94 -23.11 0.84
CA ILE B 347 9.76 -22.06 1.44
C ILE B 347 11.25 -22.34 1.35
N THR B 348 12.00 -21.35 0.89
CA THR B 348 13.32 -21.56 0.31
C THR B 348 14.36 -21.85 1.37
N HIS B 349 15.09 -22.95 1.19
CA HIS B 349 16.17 -23.34 2.08
C HIS B 349 17.20 -22.23 2.20
N SER B 350 17.92 -21.93 1.13
CA SER B 350 18.91 -20.88 1.21
C SER B 350 18.21 -19.53 1.09
N SER B 351 18.99 -18.47 0.93
CA SER B 351 18.45 -17.21 0.48
C SER B 351 18.58 -17.12 -1.03
N GLN B 352 18.17 -16.00 -1.59
CA GLN B 352 18.22 -15.84 -3.03
C GLN B 352 18.01 -14.38 -3.38
N PRO B 353 18.45 -13.94 -4.56
CA PRO B 353 18.11 -12.60 -5.05
C PRO B 353 16.68 -12.50 -5.55
N ALA B 354 15.76 -12.21 -4.65
CA ALA B 354 14.32 -12.34 -4.87
C ALA B 354 13.66 -10.96 -4.82
N ARG B 355 12.33 -10.96 -4.80
CA ARG B 355 11.55 -9.73 -4.80
C ARG B 355 10.55 -9.79 -3.65
N PHE B 356 10.51 -8.73 -2.83
CA PHE B 356 9.43 -8.62 -1.85
C PHE B 356 9.21 -7.12 -1.60
N LEU B 357 8.40 -6.51 -2.47
CA LEU B 357 8.13 -5.06 -2.50
C LEU B 357 9.39 -4.21 -2.55
N GLY B 358 10.52 -4.79 -2.91
CA GLY B 358 11.66 -3.97 -3.30
C GLY B 358 12.97 -4.17 -2.56
N TYR B 359 12.92 -4.33 -1.25
CA TYR B 359 14.11 -4.53 -0.44
C TYR B 359 14.25 -6.03 -0.24
N ASP B 360 14.96 -6.66 -1.17
CA ASP B 360 14.88 -8.11 -1.34
C ASP B 360 15.29 -8.86 -0.07
N ILE B 361 14.64 -10.00 0.15
CA ILE B 361 14.89 -10.83 1.32
C ILE B 361 16.17 -11.61 1.07
N ARG B 362 17.12 -11.48 1.98
CA ARG B 362 18.40 -12.16 1.88
C ARG B 362 18.65 -12.87 3.21
N VAL B 363 18.15 -14.09 3.34
CA VAL B 363 18.29 -14.84 4.58
C VAL B 363 19.62 -15.56 4.59
N VAL B 375 27.81 -5.99 -13.27
CA VAL B 375 28.64 -5.08 -12.52
C VAL B 375 27.73 -4.24 -11.65
N LYS B 376 26.43 -4.46 -11.84
CA LYS B 376 25.40 -3.70 -11.13
C LYS B 376 25.00 -4.43 -9.85
N LYS B 377 26.02 -4.75 -9.06
CA LYS B 377 25.87 -5.66 -7.93
C LYS B 377 27.17 -5.63 -7.13
N ARG B 378 27.13 -6.21 -5.94
CA ARG B 378 28.32 -6.35 -5.11
C ARG B 378 28.01 -7.26 -3.94
N THR B 379 29.03 -7.96 -3.46
CA THR B 379 28.86 -8.91 -2.37
C THR B 379 28.64 -8.17 -1.05
N LEU B 380 27.48 -8.41 -0.43
CA LEU B 380 27.16 -7.84 0.87
C LEU B 380 26.20 -8.81 1.56
N ASN B 381 26.73 -9.65 2.44
CA ASN B 381 25.92 -10.66 3.12
C ASN B 381 26.62 -11.06 4.41
N GLY B 382 25.81 -11.49 5.39
CA GLY B 382 26.38 -11.89 6.66
C GLY B 382 25.44 -12.64 7.60
N SER B 383 25.86 -12.77 8.86
CA SER B 383 25.09 -13.52 9.85
C SER B 383 23.74 -12.87 10.09
N VAL B 384 23.69 -11.54 10.03
CA VAL B 384 22.43 -10.84 10.09
C VAL B 384 21.93 -10.62 8.67
N GLU B 385 20.63 -10.79 8.47
CA GLU B 385 20.06 -10.79 7.14
C GLU B 385 19.55 -9.40 6.78
N LEU B 386 19.38 -9.18 5.49
CA LEU B 386 19.44 -7.81 4.98
C LEU B 386 18.60 -7.65 3.75
N LEU B 387 18.04 -6.45 3.61
CA LEU B 387 17.37 -6.00 2.41
C LEU B 387 18.34 -5.99 1.24
N ILE B 388 17.78 -5.96 0.04
CA ILE B 388 18.53 -5.80 -1.19
C ILE B 388 17.68 -5.03 -2.19
N PRO B 389 18.17 -3.92 -2.73
CA PRO B 389 17.45 -3.28 -3.81
C PRO B 389 17.61 -4.13 -5.04
N LEU B 390 16.57 -4.88 -5.34
CA LEU B 390 16.68 -5.95 -6.30
C LEU B 390 16.76 -5.37 -7.70
N GLN B 391 17.94 -5.52 -8.31
CA GLN B 391 18.21 -5.06 -9.67
C GLN B 391 17.01 -5.34 -10.56
N ASP B 392 16.38 -6.48 -10.32
CA ASP B 392 15.17 -6.87 -11.01
C ASP B 392 14.28 -5.66 -11.21
N LYS B 393 13.87 -5.04 -10.09
CA LYS B 393 13.15 -3.77 -10.13
C LYS B 393 13.84 -2.81 -11.07
N ILE B 394 15.09 -2.51 -10.75
CA ILE B 394 15.86 -1.53 -11.50
C ILE B 394 15.80 -1.81 -12.98
N ARG B 395 15.74 -3.09 -13.37
CA ARG B 395 15.68 -3.41 -14.79
C ARG B 395 14.50 -2.70 -15.41
N GLN B 396 13.30 -3.14 -15.06
CA GLN B 396 12.10 -2.51 -15.62
C GLN B 396 12.13 -1.03 -15.38
N PHE B 397 12.71 -0.61 -14.28
CA PHE B 397 12.67 0.78 -13.88
C PHE B 397 13.36 1.62 -14.94
N ILE B 398 14.66 1.41 -15.07
CA ILE B 398 15.42 2.10 -16.11
C ILE B 398 14.80 1.86 -17.48
N PHE B 399 14.15 0.72 -17.67
CA PHE B 399 13.56 0.44 -18.96
C PHE B 399 12.48 1.47 -19.25
N ASP B 400 11.41 1.44 -18.46
CA ASP B 400 10.35 2.42 -18.58
C ASP B 400 10.88 3.84 -18.50
N LYS B 401 11.98 4.04 -17.77
CA LYS B 401 12.65 5.33 -17.83
C LYS B 401 12.99 5.70 -19.26
N LYS B 402 13.26 4.71 -20.10
CA LYS B 402 13.43 4.93 -21.52
C LYS B 402 14.55 5.93 -21.79
N ILE B 403 15.68 5.72 -21.12
CA ILE B 403 16.85 6.56 -21.37
C ILE B 403 18.11 5.79 -21.66
N ALA B 404 18.27 4.55 -21.20
CA ALA B 404 19.49 3.79 -21.39
C ALA B 404 19.22 2.59 -22.29
N ILE B 405 19.75 2.65 -23.50
CA ILE B 405 19.78 1.46 -24.34
C ILE B 405 20.41 0.35 -23.52
N GLN B 406 19.82 -0.83 -23.59
CA GLN B 406 20.33 -1.95 -22.81
C GLN B 406 21.70 -2.40 -23.30
N LYS B 407 21.93 -2.29 -24.60
CA LYS B 407 23.14 -2.83 -25.21
C LYS B 407 23.33 -2.20 -26.59
N LYS B 408 24.36 -1.38 -26.73
CA LYS B 408 25.04 -1.33 -28.02
C LYS B 408 26.10 -2.41 -28.07
N ASP B 409 26.73 -2.67 -26.92
CA ASP B 409 27.30 -3.97 -26.60
C ASP B 409 27.39 -4.06 -25.08
N SER B 410 26.42 -4.74 -24.47
CA SER B 410 26.23 -4.77 -23.03
C SER B 410 26.40 -3.38 -22.40
N SER B 411 25.68 -2.39 -22.94
CA SER B 411 26.05 -0.99 -22.73
C SER B 411 24.79 -0.15 -22.55
N TRP B 412 24.84 0.78 -21.61
CA TRP B 412 23.73 1.66 -21.26
C TRP B 412 24.05 3.09 -21.65
N PHE B 413 23.01 3.91 -21.80
CA PHE B 413 23.19 5.19 -22.49
C PHE B 413 22.21 6.26 -22.04
N PRO B 414 22.31 7.48 -22.56
CA PRO B 414 21.19 8.41 -22.48
C PRO B 414 20.36 8.48 -23.75
N VAL B 415 19.05 8.52 -23.61
CA VAL B 415 18.15 8.84 -24.72
C VAL B 415 16.96 9.57 -24.12
N HIS B 416 16.55 10.68 -24.74
CA HIS B 416 15.73 11.64 -24.02
C HIS B 416 14.39 11.10 -23.54
N ARG B 417 13.36 11.06 -24.38
CA ARG B 417 12.40 9.96 -24.52
C ARG B 417 11.57 10.16 -25.78
N LYS B 418 12.13 9.85 -26.96
CA LYS B 418 11.48 10.06 -28.26
C LYS B 418 10.70 11.37 -28.27
N TYR B 419 11.11 12.35 -27.45
CA TYR B 419 10.37 13.59 -27.30
C TYR B 419 11.05 14.69 -28.09
N LEU B 420 10.40 15.10 -29.17
CA LEU B 420 11.00 15.98 -30.16
C LEU B 420 10.57 17.43 -29.99
N ILE B 421 9.28 17.71 -29.88
CA ILE B 421 8.83 19.02 -29.37
C ILE B 421 8.62 18.84 -27.87
N ARG B 422 9.72 18.87 -27.14
CA ARG B 422 9.63 18.69 -25.70
C ARG B 422 9.24 20.01 -25.05
N SER B 423 8.66 19.90 -23.86
CA SER B 423 8.38 21.07 -23.04
C SER B 423 9.69 21.57 -22.42
N THR B 424 9.61 22.60 -21.57
CA THR B 424 10.77 23.41 -21.26
C THR B 424 11.69 22.72 -20.26
N ASP B 425 12.99 22.77 -20.52
CA ASP B 425 13.97 22.15 -19.64
C ASP B 425 13.89 22.64 -18.22
N LEU B 426 13.16 23.72 -17.94
CA LEU B 426 13.00 24.16 -16.57
C LEU B 426 12.05 23.23 -15.83
N GLU B 427 10.85 23.07 -16.36
CA GLU B 427 9.97 22.05 -15.81
C GLU B 427 10.55 20.67 -15.98
N ILE B 428 11.49 20.48 -16.91
CA ILE B 428 12.20 19.20 -16.95
C ILE B 428 13.11 19.07 -15.74
N ILE B 429 13.79 20.16 -15.37
CA ILE B 429 14.54 20.17 -14.12
C ILE B 429 13.64 19.73 -13.00
N THR B 430 12.45 20.31 -12.95
CA THR B 430 11.48 19.91 -11.96
C THR B 430 11.23 18.40 -12.04
N ILE B 431 10.84 17.93 -13.22
CA ILE B 431 10.53 16.52 -13.40
C ILE B 431 11.65 15.65 -12.85
N TYR B 432 12.85 15.89 -13.34
CA TYR B 432 13.98 15.08 -12.90
C TYR B 432 14.13 15.24 -11.41
N ASN B 433 14.56 16.40 -10.93
CA ASN B 433 14.90 16.55 -9.52
C ASN B 433 13.86 15.89 -8.65
N SER B 434 12.58 16.07 -9.00
CA SER B 434 11.50 15.42 -8.30
C SER B 434 11.72 13.92 -8.31
N GLU B 435 11.64 13.34 -9.50
CA GLU B 435 11.71 11.88 -9.58
C GLU B 435 12.97 11.39 -8.92
N LEU B 436 14.07 12.10 -9.15
CA LEU B 436 15.30 11.84 -8.44
C LEU B 436 15.01 11.63 -6.97
N ARG B 437 14.46 12.66 -6.34
CA ARG B 437 14.23 12.63 -4.91
C ARG B 437 13.36 11.43 -4.59
N GLY B 438 12.13 11.50 -5.06
CA GLY B 438 11.09 10.56 -4.72
C GLY B 438 11.63 9.16 -4.80
N ILE B 439 12.25 8.86 -5.94
CA ILE B 439 12.87 7.58 -6.16
C ILE B 439 13.86 7.31 -5.05
N CYS B 440 14.91 8.14 -4.96
CA CYS B 440 15.91 7.87 -3.94
C CYS B 440 15.32 8.05 -2.56
N ASN B 441 14.47 9.05 -2.39
CA ASN B 441 13.91 9.33 -1.08
C ASN B 441 13.18 8.12 -0.54
N TYR B 442 12.11 7.71 -1.22
CA TYR B 442 11.39 6.51 -0.80
C TYR B 442 12.30 5.29 -0.82
N TYR B 443 13.40 5.36 -1.57
CA TYR B 443 14.37 4.27 -1.56
C TYR B 443 15.22 4.37 -0.29
N GLY B 444 14.59 3.99 0.80
CA GLY B 444 15.27 3.95 2.07
C GLY B 444 16.17 2.74 2.16
N LEU B 445 16.11 2.05 3.29
CA LEU B 445 17.07 1.00 3.61
C LEU B 445 17.18 -0.01 2.48
N ALA B 446 18.38 -0.17 1.96
CA ALA B 446 18.65 -1.17 0.96
C ALA B 446 20.16 -1.37 0.89
N SER B 447 20.59 -2.63 1.01
CA SER B 447 22.01 -2.96 0.96
C SER B 447 22.58 -2.50 -0.38
N ASN B 448 23.90 -2.51 -0.53
CA ASN B 448 24.52 -2.15 -1.81
C ASN B 448 24.00 -0.79 -2.29
N PHE B 449 24.38 0.24 -1.53
CA PHE B 449 24.25 1.59 -2.06
C PHE B 449 24.94 1.71 -3.41
N ASN B 450 25.80 0.75 -3.72
CA ASN B 450 26.73 0.77 -4.83
C ASN B 450 25.96 0.97 -6.12
N GLN B 451 25.15 -0.01 -6.47
CA GLN B 451 24.43 0.11 -7.72
C GLN B 451 23.46 1.27 -7.66
N LEU B 452 22.99 1.64 -6.47
CA LEU B 452 22.30 2.92 -6.38
C LEU B 452 23.17 4.00 -6.96
N ASN B 453 24.45 3.97 -6.63
CA ASN B 453 25.35 5.00 -7.13
C ASN B 453 25.50 4.90 -8.64
N TYR B 454 25.64 3.69 -9.16
CA TYR B 454 25.90 3.55 -10.58
C TYR B 454 24.66 3.94 -11.38
N PHE B 455 23.50 3.54 -10.88
CA PHE B 455 22.26 4.15 -11.29
C PHE B 455 22.40 5.65 -11.34
N ALA B 456 22.62 6.27 -10.19
CA ALA B 456 22.58 7.71 -10.11
C ALA B 456 23.48 8.31 -11.17
N TYR B 457 24.67 7.74 -11.32
CA TYR B 457 25.55 8.09 -12.42
C TYR B 457 24.77 8.17 -13.72
N LEU B 458 24.20 7.05 -14.13
CA LEU B 458 23.54 7.04 -15.42
C LEU B 458 22.37 8.01 -15.42
N MET B 459 21.44 7.80 -14.51
CA MET B 459 20.29 8.64 -14.26
C MET B 459 20.63 10.10 -14.46
N GLU B 460 21.77 10.50 -13.94
CA GLU B 460 22.15 11.89 -14.05
C GLU B 460 22.52 12.23 -15.47
N TYR B 461 23.48 11.51 -16.04
CA TYR B 461 23.85 11.82 -17.42
C TYR B 461 22.60 11.93 -18.28
N SER B 462 21.66 11.03 -18.04
CA SER B 462 20.33 11.12 -18.61
C SER B 462 19.77 12.52 -18.49
N CYS B 463 19.86 13.10 -17.31
CA CYS B 463 19.14 14.34 -17.07
C CYS B 463 19.64 15.44 -17.97
N LEU B 464 20.90 15.82 -17.78
CA LEU B 464 21.44 16.89 -18.60
C LEU B 464 21.45 16.50 -20.07
N LYS B 465 21.43 15.21 -20.40
CA LYS B 465 21.45 14.82 -21.79
C LYS B 465 20.13 15.11 -22.44
N THR B 466 19.05 14.58 -21.85
CA THR B 466 17.71 15.04 -22.16
C THR B 466 17.71 16.54 -22.32
N ILE B 467 18.34 17.24 -21.36
CA ILE B 467 18.32 18.69 -21.37
C ILE B 467 18.88 19.21 -22.68
N ALA B 468 20.15 18.94 -22.94
CA ALA B 468 20.77 19.44 -24.16
C ALA B 468 19.97 19.02 -25.38
N SER B 469 19.47 17.78 -25.37
CA SER B 469 18.64 17.29 -26.45
C SER B 469 17.46 18.23 -26.68
N LYS B 470 16.95 18.82 -25.61
CA LYS B 470 15.85 19.76 -25.76
C LYS B 470 16.25 20.97 -26.57
N HIS B 471 17.49 21.05 -27.05
CA HIS B 471 17.94 22.27 -27.68
C HIS B 471 18.64 22.08 -29.01
N LYS B 472 18.79 20.85 -29.47
CA LYS B 472 19.22 20.55 -30.84
C LYS B 472 20.48 21.30 -31.22
N GLY B 473 21.57 20.99 -30.50
CA GLY B 473 22.86 21.57 -30.75
C GLY B 473 23.78 20.64 -31.50
N THR B 474 25.09 20.93 -31.39
CA THR B 474 26.13 20.07 -31.96
C THR B 474 26.66 19.17 -30.84
N LEU B 475 25.90 18.12 -30.55
CA LEU B 475 26.29 17.05 -29.64
C LEU B 475 26.65 17.63 -28.27
N SER B 476 25.68 18.32 -27.67
CA SER B 476 25.93 19.20 -26.53
C SER B 476 26.01 18.49 -25.19
N LYS B 477 26.25 17.17 -25.19
CA LYS B 477 26.23 16.45 -23.92
C LYS B 477 27.26 16.97 -22.94
N THR B 478 28.55 16.86 -23.29
CA THR B 478 29.59 17.32 -22.37
C THR B 478 29.47 18.83 -22.14
N ILE B 479 29.00 19.55 -23.16
CA ILE B 479 28.74 20.98 -23.01
C ILE B 479 27.88 21.22 -21.78
N SER B 480 26.72 20.58 -21.74
CA SER B 480 25.84 20.68 -20.58
C SER B 480 26.52 20.11 -19.34
N MET B 481 27.10 18.91 -19.47
CA MET B 481 27.68 18.16 -18.37
C MET B 481 28.64 18.99 -17.55
N PHE B 482 29.68 19.50 -18.19
CA PHE B 482 30.69 20.33 -17.53
C PHE B 482 30.34 21.82 -17.58
N LYS B 483 29.16 22.19 -18.10
CA LYS B 483 28.69 23.57 -18.05
C LYS B 483 27.67 23.81 -16.93
N ASP B 484 26.58 23.05 -16.94
CA ASP B 484 25.56 23.13 -15.90
C ASP B 484 25.49 21.78 -15.19
N GLY B 485 24.48 21.61 -14.37
CA GLY B 485 24.43 20.49 -13.46
C GLY B 485 25.13 20.87 -12.17
N SER B 486 24.86 20.15 -11.10
CA SER B 486 25.40 20.50 -9.80
C SER B 486 26.93 20.52 -9.82
N GLY B 487 27.53 19.56 -10.51
CA GLY B 487 28.97 19.49 -10.61
C GLY B 487 29.55 20.82 -11.07
N SER B 488 29.20 21.22 -12.29
CA SER B 488 29.56 22.55 -12.77
C SER B 488 28.58 23.61 -12.32
N TRP B 489 27.76 23.29 -11.32
CA TRP B 489 26.95 24.28 -10.62
C TRP B 489 26.03 25.03 -11.59
N GLY B 490 25.07 24.26 -12.11
CA GLY B 490 24.01 24.80 -12.97
C GLY B 490 23.52 26.17 -12.53
N ILE B 520 17.29 30.49 -10.45
CA ILE B 520 18.53 29.91 -9.96
C ILE B 520 19.05 28.85 -10.93
N SER B 521 18.15 28.04 -11.48
CA SER B 521 18.43 27.08 -12.54
C SER B 521 19.37 25.99 -12.06
N GLN B 522 19.88 26.14 -10.83
CA GLN B 522 20.76 25.13 -10.28
C GLN B 522 19.99 23.86 -10.00
N ALA B 523 20.65 22.73 -10.16
CA ALA B 523 20.07 21.42 -9.91
C ALA B 523 20.78 20.76 -8.73
N PRO B 524 20.71 21.34 -7.53
CA PRO B 524 21.38 20.71 -6.39
C PRO B 524 20.74 19.41 -5.99
N VAL B 525 19.61 19.05 -6.60
CA VAL B 525 19.02 17.72 -6.42
C VAL B 525 19.74 16.83 -7.43
N LEU B 526 20.91 16.38 -7.02
CA LEU B 526 21.80 15.60 -7.87
C LEU B 526 22.62 14.72 -6.96
N TYR B 527 23.76 14.25 -7.46
CA TYR B 527 24.69 13.44 -6.67
C TYR B 527 24.80 13.94 -5.24
N GLY B 528 24.98 15.24 -5.07
CA GLY B 528 25.00 15.84 -3.76
C GLY B 528 23.74 15.45 -3.04
N TYR B 529 22.59 15.87 -3.57
CA TYR B 529 21.34 15.47 -2.95
C TYR B 529 21.15 13.97 -3.01
N ALA B 530 21.76 13.29 -3.98
CA ALA B 530 21.62 11.84 -4.03
C ALA B 530 22.08 11.22 -2.73
N ARG B 531 23.34 11.43 -2.35
CA ARG B 531 23.71 10.84 -1.07
C ARG B 531 23.23 11.66 0.12
N ASN B 532 22.79 12.90 -0.09
CA ASN B 532 22.05 13.61 0.95
C ASN B 532 20.85 12.78 1.39
N THR B 533 20.03 12.37 0.43
CA THR B 533 18.92 11.47 0.70
C THR B 533 19.42 10.14 1.24
N LEU B 534 20.43 9.57 0.59
CA LEU B 534 20.98 8.29 1.02
C LEU B 534 21.28 8.30 2.51
N GLU B 535 21.72 9.44 3.03
CA GLU B 535 21.98 9.53 4.46
C GLU B 535 20.72 9.91 5.22
N ASN B 536 20.20 11.12 4.94
CA ASN B 536 19.03 11.67 5.61
C ASN B 536 17.84 10.73 5.43
N ARG B 537 17.13 10.46 6.53
CA ARG B 537 15.85 9.74 6.54
C ARG B 537 15.96 8.42 5.81
N LEU B 538 17.18 8.04 5.41
CA LEU B 538 17.42 6.77 4.75
C LEU B 538 18.33 5.87 5.55
N LYS B 539 19.52 6.33 5.91
CA LYS B 539 20.22 5.69 7.01
C LYS B 539 19.42 5.80 8.28
N ALA B 540 18.64 6.86 8.41
CA ALA B 540 17.72 7.05 9.52
C ALA B 540 16.40 6.35 9.23
#